data_4AMJ
#
_entry.id   4AMJ
#
_cell.length_a   90.056
_cell.length_b   62.196
_cell.length_c   100.926
_cell.angle_alpha   90.00
_cell.angle_beta   109.17
_cell.angle_gamma   90.00
#
_symmetry.space_group_name_H-M   'P 1 21 1'
#
loop_
_entity.id
_entity.type
_entity.pdbx_description
1 polymer 'BETA-1 ADRENERGIC RECEPTOR'
2 non-polymer (2S)-1-(8H-CARBAZOL-4-YLOXY)-3-[2-(2-METHOXYPHENOXY)ETHYLAMINO]PROPAN-2-OL
3 non-polymer 'SODIUM ION'
4 non-polymer HEGA-10
5 water water
#
_entity_poly.entity_id   1
_entity_poly.type   'polypeptide(L)'
_entity_poly.pdbx_seq_one_letter_code
;MGAELLSQQWEAGMSLLMALVVLLIVAGNVLVIAAIGSTQRLQTLTNLFITSLACADLVVGLLVVPFGATLVVRGTWLWG
SFLCELWTSLDVLCVTASIETLCVIAIDRYLAITSPFRYQSLMTRARAKVIICTVWAISALVSFLPIMMHWWRDEDPQAL
KCYQDPGCCDFVTNRAYAIASSIISFYIPLLIMIFVALRVYREAKEQIRKIDRASKRKTSRVMLMREHKALKTLGIIMGV
FTLCWLPFFLVNIVNVFNRDLVPDWLFVAFNWLGYANSAMNPIIYCRSPDFRKAFKRLLAFPRKADRRLHHHHHH
;
_entity_poly.pdbx_strand_id   A,B
#
# COMPACT_ATOMS: atom_id res chain seq x y z
N GLY A 2 1.29 -48.57 19.73
CA GLY A 2 0.03 -47.99 20.30
C GLY A 2 -0.09 -46.52 19.95
N ALA A 3 0.56 -45.69 20.75
CA ALA A 3 0.82 -44.30 20.39
C ALA A 3 1.64 -44.33 19.10
N GLU A 4 2.64 -45.21 19.08
CA GLU A 4 3.53 -45.34 17.93
C GLU A 4 2.83 -45.89 16.67
N LEU A 5 1.90 -46.83 16.82
CA LEU A 5 1.16 -47.30 15.66
C LEU A 5 0.23 -46.21 15.11
N LEU A 6 -0.42 -45.45 16.00
CA LEU A 6 -1.30 -44.35 15.53
C LEU A 6 -0.49 -43.31 14.73
N SER A 7 0.69 -43.01 15.24
CA SER A 7 1.57 -42.07 14.62
C SER A 7 2.04 -42.56 13.26
N GLN A 8 2.39 -43.84 13.15
CA GLN A 8 2.81 -44.41 11.87
C GLN A 8 1.69 -44.35 10.83
N GLN A 9 0.48 -44.66 11.25
CA GLN A 9 -0.64 -44.70 10.31
C GLN A 9 -0.94 -43.30 9.78
N TRP A 10 -0.95 -42.34 10.70
CA TRP A 10 -1.27 -40.97 10.38
C TRP A 10 -0.17 -40.35 9.52
N GLU A 11 1.10 -40.51 9.91
CA GLU A 11 2.22 -39.97 9.12
C GLU A 11 2.29 -40.44 7.66
N ALA A 12 1.98 -41.72 7.45
CA ALA A 12 2.04 -42.33 6.13
C ALA A 12 0.85 -41.88 5.30
N GLY A 13 -0.34 -41.88 5.89
CA GLY A 13 -1.51 -41.37 5.17
C GLY A 13 -1.39 -39.89 4.79
N MET A 14 -0.80 -39.10 5.69
CA MET A 14 -0.72 -37.66 5.52
C MET A 14 0.38 -37.35 4.52
N SER A 15 1.49 -38.09 4.55
CA SER A 15 2.52 -37.93 3.53
C SER A 15 1.95 -38.14 2.10
N LEU A 16 1.05 -39.12 1.98
CA LEU A 16 0.43 -39.46 0.70
C LEU A 16 -0.52 -38.39 0.20
N LEU A 17 -1.42 -37.94 1.07
CA LEU A 17 -2.31 -36.82 0.76
C LEU A 17 -1.50 -35.58 0.33
N MET A 18 -0.45 -35.26 1.07
CA MET A 18 0.39 -34.12 0.76
C MET A 18 1.09 -34.27 -0.59
N ALA A 19 1.52 -35.49 -0.91
CA ALA A 19 2.19 -35.73 -2.19
C ALA A 19 1.16 -35.54 -3.32
N LEU A 20 -0.07 -35.97 -3.10
CA LEU A 20 -1.11 -35.78 -4.10
C LEU A 20 -1.33 -34.29 -4.38
N VAL A 21 -1.49 -33.51 -3.29
CA VAL A 21 -1.73 -32.07 -3.40
C VAL A 21 -0.59 -31.41 -4.17
N VAL A 22 0.66 -31.77 -3.83
CA VAL A 22 1.82 -31.18 -4.46
C VAL A 22 1.80 -31.47 -5.96
N LEU A 23 1.51 -32.73 -6.28
CA LEU A 23 1.51 -33.23 -7.65
C LEU A 23 0.48 -32.53 -8.52
N LEU A 24 -0.72 -32.37 -7.98
CA LEU A 24 -1.83 -31.67 -8.62
C LEU A 24 -1.51 -30.20 -8.89
N ILE A 25 -0.90 -29.52 -7.90
CA ILE A 25 -0.54 -28.12 -8.03
C ILE A 25 0.50 -28.01 -9.12
N VAL A 26 1.56 -28.83 -9.03
CA VAL A 26 2.69 -28.72 -9.93
C VAL A 26 2.31 -29.12 -11.37
N ALA A 27 1.75 -30.33 -11.52
CA ALA A 27 1.35 -30.82 -12.85
C ALA A 27 0.39 -29.84 -13.51
N GLY A 28 -0.65 -29.41 -12.82
CA GLY A 28 -1.64 -28.46 -13.38
C GLY A 28 -1.05 -27.12 -13.85
N ASN A 29 -0.06 -26.59 -13.12
CA ASN A 29 0.46 -25.24 -13.44
C ASN A 29 1.63 -25.29 -14.44
N VAL A 30 2.40 -26.36 -14.42
CA VAL A 30 3.28 -26.68 -15.55
C VAL A 30 2.48 -26.78 -16.86
N LEU A 31 1.33 -27.46 -16.83
CA LEU A 31 0.51 -27.61 -17.99
C LEU A 31 0.00 -26.28 -18.53
N VAL A 32 -0.48 -25.41 -17.64
CA VAL A 32 -0.95 -24.10 -18.05
C VAL A 32 0.21 -23.35 -18.71
N ILE A 33 1.38 -23.37 -18.07
CA ILE A 33 2.53 -22.62 -18.60
C ILE A 33 3.07 -23.20 -19.91
N ALA A 34 3.15 -24.52 -20.03
CA ALA A 34 3.59 -25.16 -21.29
C ALA A 34 2.55 -24.96 -22.42
N ALA A 35 1.26 -25.07 -22.10
CA ALA A 35 0.17 -24.77 -23.02
C ALA A 35 0.31 -23.37 -23.66
N ILE A 36 0.40 -22.36 -22.81
CA ILE A 36 0.47 -20.98 -23.29
C ILE A 36 1.76 -20.81 -24.06
N GLY A 37 2.84 -21.38 -23.54
CA GLY A 37 4.15 -21.21 -24.13
C GLY A 37 4.39 -21.92 -25.46
N SER A 38 3.48 -22.79 -25.87
CA SER A 38 3.64 -23.56 -27.08
C SER A 38 2.41 -23.50 -28.03
N THR A 39 1.43 -22.66 -27.72
CA THR A 39 0.22 -22.53 -28.53
C THR A 39 0.03 -21.04 -28.87
N GLN A 40 0.28 -20.71 -30.13
CA GLN A 40 0.31 -19.33 -30.63
C GLN A 40 -1.00 -18.63 -30.37
N ARG A 41 -2.09 -19.39 -30.52
CA ARG A 41 -3.43 -18.88 -30.26
C ARG A 41 -3.67 -18.53 -28.77
N LEU A 42 -2.94 -19.15 -27.85
CA LEU A 42 -3.07 -18.83 -26.42
C LEU A 42 -2.14 -17.68 -25.98
N GLN A 43 -1.29 -17.19 -26.88
CA GLN A 43 -0.31 -16.18 -26.51
C GLN A 43 -0.85 -14.74 -26.57
N THR A 44 -1.99 -14.52 -25.95
CA THR A 44 -2.55 -13.19 -25.83
C THR A 44 -1.86 -12.42 -24.68
N LEU A 45 -2.03 -11.10 -24.65
CA LEU A 45 -1.57 -10.28 -23.57
C LEU A 45 -2.18 -10.70 -22.24
N THR A 46 -3.48 -10.94 -22.22
CA THR A 46 -4.16 -11.42 -21.03
C THR A 46 -3.52 -12.69 -20.45
N ASN A 47 -3.01 -13.54 -21.33
CA ASN A 47 -2.44 -14.81 -20.90
C ASN A 47 -1.03 -14.69 -20.41
N LEU A 48 -0.39 -13.55 -20.65
CA LEU A 48 0.87 -13.26 -20.00
C LEU A 48 0.60 -13.09 -18.48
N PHE A 49 -0.51 -12.44 -18.15
CA PHE A 49 -0.90 -12.29 -16.74
C PHE A 49 -1.30 -13.63 -16.14
N ILE A 50 -1.94 -14.48 -16.93
CA ILE A 50 -2.27 -15.84 -16.48
C ILE A 50 -1.03 -16.67 -16.17
N THR A 51 0.00 -16.54 -17.01
CA THR A 51 1.27 -17.23 -16.78
C THR A 51 1.90 -16.80 -15.46
N SER A 52 1.87 -15.51 -15.20
CA SER A 52 2.40 -14.97 -13.96
C SER A 52 1.65 -15.57 -12.73
N LEU A 53 0.34 -15.63 -12.82
CA LEU A 53 -0.50 -16.28 -11.83
C LEU A 53 -0.17 -17.78 -11.64
N ALA A 54 0.08 -18.47 -12.75
CA ALA A 54 0.59 -19.86 -12.71
C ALA A 54 1.96 -20.00 -12.08
N CYS A 55 2.82 -19.00 -12.24
CA CYS A 55 4.14 -19.02 -11.61
C CYS A 55 4.00 -18.90 -10.06
N ALA A 56 3.15 -18.01 -9.58
CA ALA A 56 2.83 -17.91 -8.12
C ALA A 56 2.33 -19.27 -7.60
N ASP A 57 1.43 -19.91 -8.31
CA ASP A 57 0.90 -21.22 -7.89
C ASP A 57 1.95 -22.33 -8.00
N LEU A 58 2.79 -22.28 -9.04
CA LEU A 58 3.90 -23.19 -9.12
C LEU A 58 4.84 -23.07 -7.88
N VAL A 59 5.23 -21.85 -7.50
CA VAL A 59 6.08 -21.63 -6.34
C VAL A 59 5.39 -22.18 -5.07
N VAL A 60 4.07 -22.07 -4.98
CA VAL A 60 3.35 -22.70 -3.85
C VAL A 60 3.44 -24.25 -3.89
N GLY A 61 3.35 -24.83 -5.09
CA GLY A 61 3.50 -26.29 -5.27
C GLY A 61 4.89 -26.84 -4.97
N LEU A 62 5.92 -26.08 -5.35
CA LEU A 62 7.30 -26.55 -5.28
C LEU A 62 7.98 -26.23 -3.96
N LEU A 63 7.59 -25.14 -3.31
CA LEU A 63 8.29 -24.66 -2.15
C LEU A 63 7.35 -24.51 -0.94
N VAL A 64 6.23 -23.82 -1.10
CA VAL A 64 5.46 -23.45 0.08
C VAL A 64 4.80 -24.69 0.67
N VAL A 65 4.06 -25.43 -0.13
CA VAL A 65 3.33 -26.61 0.36
C VAL A 65 4.25 -27.77 0.82
N PRO A 66 5.31 -28.11 0.09
CA PRO A 66 6.23 -29.14 0.60
C PRO A 66 6.83 -28.89 2.00
N PHE A 67 7.29 -27.67 2.26
CA PHE A 67 7.80 -27.32 3.60
C PHE A 67 6.67 -27.42 4.62
N GLY A 68 5.50 -26.90 4.28
CA GLY A 68 4.34 -26.94 5.14
C GLY A 68 3.94 -28.38 5.44
N ALA A 69 4.11 -29.24 4.45
CA ALA A 69 3.81 -30.67 4.57
C ALA A 69 4.75 -31.35 5.56
N THR A 70 6.05 -31.10 5.44
CA THR A 70 7.01 -31.72 6.35
C THR A 70 6.75 -31.30 7.80
N LEU A 71 6.22 -30.08 7.98
CA LEU A 71 5.85 -29.57 9.30
C LEU A 71 4.59 -30.26 9.86
N VAL A 72 3.60 -30.46 9.02
CA VAL A 72 2.34 -31.08 9.43
C VAL A 72 2.56 -32.57 9.75
N VAL A 73 3.44 -33.21 8.98
CA VAL A 73 3.64 -34.65 9.06
C VAL A 73 4.57 -35.02 10.22
N ARG A 74 5.73 -34.40 10.25
CA ARG A 74 6.73 -34.66 11.28
C ARG A 74 6.46 -33.95 12.61
N GLY A 75 5.53 -32.98 12.63
CA GLY A 75 5.18 -32.29 13.87
C GLY A 75 6.29 -31.44 14.48
N THR A 76 7.26 -31.05 13.66
CA THR A 76 8.32 -30.13 14.05
C THR A 76 8.92 -29.51 12.79
N TRP A 77 9.53 -28.34 12.91
CA TRP A 77 10.29 -27.71 11.82
C TRP A 77 11.71 -28.22 11.79
N LEU A 78 12.12 -28.80 10.67
CA LEU A 78 13.44 -29.48 10.57
C LEU A 78 14.53 -28.65 9.94
N TRP A 79 14.26 -27.42 9.51
CA TRP A 79 15.15 -26.78 8.52
C TRP A 79 15.91 -25.59 8.98
N GLY A 80 15.82 -25.26 10.26
CA GLY A 80 16.51 -24.10 10.79
C GLY A 80 15.72 -22.79 10.68
N SER A 81 16.19 -21.81 11.45
CA SER A 81 15.55 -20.53 11.60
C SER A 81 15.48 -19.72 10.31
N PHE A 82 16.57 -19.77 9.54
CA PHE A 82 16.66 -19.02 8.33
C PHE A 82 15.66 -19.48 7.29
N LEU A 83 15.56 -20.79 7.09
CA LEU A 83 14.62 -21.35 6.15
C LEU A 83 13.16 -21.16 6.60
N CYS A 84 12.94 -21.09 7.91
CA CYS A 84 11.62 -20.75 8.44
C CYS A 84 11.16 -19.36 7.97
N GLU A 85 12.05 -18.38 8.07
CA GLU A 85 11.76 -17.03 7.63
C GLU A 85 11.64 -16.92 6.11
N LEU A 86 12.49 -17.65 5.38
CA LEU A 86 12.43 -17.63 3.92
C LEU A 86 11.11 -18.26 3.47
N TRP A 87 10.77 -19.39 4.06
CA TRP A 87 9.53 -20.07 3.73
C TRP A 87 8.35 -19.16 3.97
N THR A 88 8.34 -18.48 5.10
CA THR A 88 7.25 -17.56 5.45
C THR A 88 7.13 -16.40 4.46
N SER A 89 8.27 -15.82 4.11
CA SER A 89 8.37 -14.76 3.10
C SER A 89 7.84 -15.18 1.73
N LEU A 90 8.17 -16.42 1.31
CA LEU A 90 7.68 -16.95 0.05
C LEU A 90 6.17 -17.15 0.04
N ASP A 91 5.65 -17.62 1.17
CA ASP A 91 4.21 -17.79 1.42
C ASP A 91 3.47 -16.45 1.26
N VAL A 92 3.89 -15.44 2.02
CA VAL A 92 3.33 -14.12 1.92
C VAL A 92 3.44 -13.56 0.50
N LEU A 93 4.62 -13.74 -0.13
CA LEU A 93 4.85 -13.26 -1.49
C LEU A 93 3.83 -13.74 -2.50
N CYS A 94 3.60 -15.06 -2.52
CA CYS A 94 2.69 -15.69 -3.47
C CYS A 94 1.24 -15.29 -3.34
N VAL A 95 0.73 -15.13 -2.11
CA VAL A 95 -0.64 -14.62 -1.95
C VAL A 95 -0.72 -13.19 -2.50
N THR A 96 0.24 -12.34 -2.13
CA THR A 96 0.29 -10.93 -2.54
C THR A 96 0.36 -10.81 -4.08
N ALA A 97 1.31 -11.51 -4.70
CA ALA A 97 1.45 -11.52 -6.15
C ALA A 97 0.18 -12.02 -6.86
N SER A 98 -0.45 -13.08 -6.35
CA SER A 98 -1.71 -13.60 -6.90
C SER A 98 -2.82 -12.58 -6.94
N ILE A 99 -3.15 -11.98 -5.80
CA ILE A 99 -4.28 -11.03 -5.75
C ILE A 99 -3.94 -9.73 -6.52
N GLU A 100 -2.69 -9.27 -6.49
CA GLU A 100 -2.31 -8.10 -7.31
C GLU A 100 -2.46 -8.42 -8.83
N THR A 101 -2.03 -9.61 -9.24
CA THR A 101 -2.17 -10.05 -10.61
C THR A 101 -3.65 -10.19 -11.05
N LEU A 102 -4.50 -10.76 -10.20
CA LEU A 102 -5.96 -10.79 -10.49
C LEU A 102 -6.56 -9.38 -10.68
N CYS A 103 -6.11 -8.46 -9.84
CA CYS A 103 -6.47 -7.09 -9.94
C CYS A 103 -6.07 -6.52 -11.32
N VAL A 104 -4.84 -6.77 -11.75
CA VAL A 104 -4.37 -6.31 -13.06
C VAL A 104 -5.25 -6.87 -14.22
N ILE A 105 -5.56 -8.17 -14.15
CA ILE A 105 -6.38 -8.86 -15.11
C ILE A 105 -7.76 -8.18 -15.22
N ALA A 106 -8.36 -7.86 -14.08
CA ALA A 106 -9.65 -7.21 -14.06
C ALA A 106 -9.55 -5.85 -14.78
N ILE A 107 -8.47 -5.13 -14.53
CA ILE A 107 -8.28 -3.81 -15.13
C ILE A 107 -8.01 -3.93 -16.63
N ASP A 108 -7.24 -4.92 -17.03
CA ASP A 108 -6.97 -5.17 -18.42
C ASP A 108 -8.30 -5.40 -19.17
N ARG A 109 -9.18 -6.23 -18.61
CA ARG A 109 -10.45 -6.54 -19.27
C ARG A 109 -11.40 -5.32 -19.30
N TYR A 110 -11.40 -4.53 -18.23
CA TYR A 110 -12.23 -3.32 -18.19
C TYR A 110 -11.83 -2.31 -19.29
N LEU A 111 -10.53 -2.16 -19.51
CA LEU A 111 -10.03 -1.31 -20.55
C LEU A 111 -10.40 -1.83 -21.95
N ALA A 112 -10.35 -3.14 -22.12
CA ALA A 112 -10.51 -3.75 -23.42
C ALA A 112 -11.98 -3.66 -23.83
N ILE A 113 -12.86 -3.80 -22.84
CA ILE A 113 -14.30 -3.81 -23.07
C ILE A 113 -14.94 -2.43 -23.15
N THR A 114 -14.30 -1.39 -22.62
CA THR A 114 -14.84 -0.04 -22.71
C THR A 114 -14.10 0.81 -23.75
N SER A 115 -12.84 0.53 -24.01
CA SER A 115 -12.09 1.24 -25.05
C SER A 115 -11.19 0.26 -25.82
N PRO A 116 -11.79 -0.59 -26.67
CA PRO A 116 -11.03 -1.60 -27.39
C PRO A 116 -9.90 -0.99 -28.23
N PHE A 117 -10.13 0.22 -28.74
CA PHE A 117 -9.15 0.92 -29.58
C PHE A 117 -8.04 1.55 -28.77
N ARG A 118 -8.38 2.20 -27.66
CA ARG A 118 -7.37 2.73 -26.73
C ARG A 118 -6.53 1.59 -26.16
N TYR A 119 -7.18 0.49 -25.81
CA TYR A 119 -6.51 -0.72 -25.39
C TYR A 119 -5.45 -1.13 -26.40
N GLN A 120 -5.85 -1.16 -27.68
CA GLN A 120 -5.00 -1.62 -28.77
C GLN A 120 -3.69 -0.83 -28.89
N SER A 121 -3.74 0.49 -28.81
CA SER A 121 -2.52 1.29 -29.00
C SER A 121 -1.70 1.37 -27.72
N LEU A 122 -2.41 1.40 -26.61
CA LEU A 122 -1.74 1.49 -25.31
C LEU A 122 -1.02 0.21 -24.86
N MET A 123 -1.63 -0.95 -25.04
CA MET A 123 -1.16 -2.19 -24.40
C MET A 123 -0.36 -3.10 -25.36
N THR A 124 0.92 -3.28 -25.07
CA THR A 124 1.82 -4.11 -25.85
C THR A 124 2.46 -5.18 -24.97
N ARG A 125 3.06 -6.18 -25.59
CA ARG A 125 3.82 -7.21 -24.88
C ARG A 125 4.83 -6.62 -23.90
N ALA A 126 5.65 -5.69 -24.38
CA ALA A 126 6.68 -5.04 -23.56
C ALA A 126 6.07 -4.38 -22.28
N ARG A 127 4.90 -3.77 -22.42
CA ARG A 127 4.23 -3.11 -21.32
C ARG A 127 3.57 -4.07 -20.33
N ALA A 128 2.94 -5.12 -20.84
CA ALA A 128 2.46 -6.22 -20.02
C ALA A 128 3.57 -6.82 -19.15
N LYS A 129 4.74 -7.05 -19.75
CA LYS A 129 5.91 -7.53 -19.01
C LYS A 129 6.38 -6.56 -17.93
N VAL A 130 6.42 -5.25 -18.22
CA VAL A 130 6.75 -4.27 -17.21
C VAL A 130 5.68 -4.32 -16.06
N ILE A 131 4.41 -4.45 -16.41
CA ILE A 131 3.38 -4.52 -15.41
C ILE A 131 3.57 -5.75 -14.52
N ILE A 132 3.87 -6.90 -15.11
CA ILE A 132 4.16 -8.12 -14.38
C ILE A 132 5.37 -7.98 -13.46
N CYS A 133 6.45 -7.38 -13.95
CA CYS A 133 7.60 -7.16 -13.10
C CYS A 133 7.27 -6.23 -11.94
N THR A 134 6.41 -5.24 -12.19
CA THR A 134 6.07 -4.25 -11.19
C THR A 134 5.30 -4.91 -10.03
N VAL A 135 4.33 -5.76 -10.39
CA VAL A 135 3.59 -6.56 -9.43
C VAL A 135 4.49 -7.43 -8.56
N TRP A 136 5.45 -8.13 -9.16
CA TRP A 136 6.38 -8.97 -8.38
C TRP A 136 7.35 -8.14 -7.53
N ALA A 137 7.78 -6.99 -8.02
CA ALA A 137 8.57 -6.04 -7.25
C ALA A 137 7.86 -5.53 -5.98
N ILE A 138 6.61 -5.07 -6.15
CA ILE A 138 5.79 -4.58 -5.06
C ILE A 138 5.48 -5.71 -4.09
N SER A 139 5.13 -6.88 -4.63
CA SER A 139 4.87 -8.03 -3.78
C SER A 139 6.09 -8.46 -2.93
N ALA A 140 7.27 -8.48 -3.55
CA ALA A 140 8.53 -8.81 -2.85
C ALA A 140 8.83 -7.77 -1.77
N LEU A 141 8.57 -6.49 -2.06
CA LEU A 141 8.81 -5.40 -1.14
C LEU A 141 8.00 -5.52 0.17
N VAL A 142 6.71 -5.79 0.05
CA VAL A 142 5.82 -5.85 1.20
C VAL A 142 5.79 -7.21 1.89
N SER A 143 6.57 -8.17 1.38
CA SER A 143 6.70 -9.54 1.92
C SER A 143 8.00 -9.75 2.65
N PHE A 144 9.10 -9.69 1.89
CA PHE A 144 10.43 -10.05 2.38
C PHE A 144 10.98 -9.09 3.44
N LEU A 145 10.95 -7.80 3.14
CA LEU A 145 11.61 -6.87 4.01
C LEU A 145 10.98 -6.78 5.37
N PRO A 146 9.64 -6.66 5.47
CA PRO A 146 9.14 -6.66 6.85
C PRO A 146 9.40 -7.99 7.60
N ILE A 147 9.41 -9.13 6.91
CA ILE A 147 9.61 -10.40 7.57
C ILE A 147 11.08 -10.53 8.01
N MET A 148 12.00 -10.15 7.13
CA MET A 148 13.43 -10.19 7.42
C MET A 148 13.90 -9.09 8.41
N MET A 149 13.23 -7.96 8.47
CA MET A 149 13.51 -6.98 9.52
C MET A 149 12.77 -7.24 10.84
N HIS A 150 12.03 -8.34 10.93
CA HIS A 150 11.28 -8.71 12.13
C HIS A 150 10.24 -7.72 12.60
N TRP A 151 9.61 -7.01 11.67
CA TRP A 151 8.54 -6.06 12.04
C TRP A 151 7.28 -6.74 12.50
N TRP A 152 7.19 -8.05 12.27
CA TRP A 152 6.03 -8.88 12.62
C TRP A 152 6.13 -9.52 13.98
N ARG A 153 7.32 -9.55 14.59
CA ARG A 153 7.50 -10.25 15.87
C ARG A 153 6.76 -9.61 17.00
N ASP A 154 6.20 -10.46 17.85
CA ASP A 154 5.48 -10.02 19.03
C ASP A 154 6.38 -10.17 20.28
N GLU A 155 6.06 -9.44 21.33
CA GLU A 155 6.85 -9.48 22.58
C GLU A 155 6.24 -10.40 23.64
N ASP A 156 5.05 -10.91 23.38
CA ASP A 156 4.48 -11.95 24.22
C ASP A 156 5.47 -13.11 24.41
N PRO A 157 5.68 -13.54 25.68
CA PRO A 157 6.51 -14.72 25.99
C PRO A 157 6.23 -16.04 25.23
N GLN A 158 4.98 -16.39 24.94
CA GLN A 158 4.74 -17.56 24.08
C GLN A 158 5.26 -17.34 22.62
N ALA A 159 5.18 -16.12 22.10
CA ALA A 159 5.79 -15.79 20.80
C ALA A 159 7.31 -15.90 20.89
N LEU A 160 7.90 -15.33 21.94
CA LEU A 160 9.38 -15.36 22.08
C LEU A 160 9.87 -16.79 22.25
N LYS A 161 9.05 -17.59 22.91
CA LYS A 161 9.30 -19.02 23.03
C LYS A 161 9.44 -19.63 21.64
N CYS A 162 8.45 -19.40 20.77
CA CYS A 162 8.52 -19.92 19.39
C CYS A 162 9.76 -19.41 18.65
N TYR A 163 10.03 -18.11 18.71
CA TYR A 163 11.14 -17.54 17.95
C TYR A 163 12.48 -18.10 18.35
N GLN A 164 12.57 -18.59 19.58
CA GLN A 164 13.81 -19.10 20.13
C GLN A 164 14.00 -20.60 19.83
N ASP A 165 12.89 -21.32 19.72
CA ASP A 165 12.91 -22.74 19.38
C ASP A 165 13.08 -22.94 17.87
N PRO A 166 14.19 -23.56 17.42
CA PRO A 166 14.41 -23.76 15.98
C PRO A 166 13.39 -24.72 15.35
N GLY A 167 12.75 -25.55 16.17
CA GLY A 167 11.75 -26.47 15.70
C GLY A 167 10.34 -25.90 15.70
N CYS A 168 10.16 -24.63 16.07
CA CYS A 168 8.85 -23.95 15.95
C CYS A 168 8.97 -22.98 14.79
N CYS A 169 8.05 -23.07 13.84
CA CYS A 169 7.98 -22.10 12.76
C CYS A 169 6.58 -21.55 12.62
N ASP A 170 6.00 -21.20 13.75
CA ASP A 170 4.68 -20.60 13.74
C ASP A 170 4.85 -19.11 13.37
N PHE A 171 3.91 -18.63 12.57
CA PHE A 171 3.93 -17.25 12.14
C PHE A 171 3.03 -16.47 13.09
N VAL A 172 3.53 -16.32 14.32
CA VAL A 172 2.82 -15.60 15.37
C VAL A 172 3.22 -14.14 15.23
N THR A 173 2.26 -13.25 15.00
CA THR A 173 2.61 -11.85 14.73
C THR A 173 2.01 -10.93 15.75
N ASN A 174 2.60 -9.75 15.92
CA ASN A 174 1.95 -8.64 16.59
C ASN A 174 0.73 -8.14 15.82
N ARG A 175 -0.14 -7.43 16.51
CA ARG A 175 -1.42 -7.00 15.95
C ARG A 175 -1.30 -5.98 14.84
N ALA A 176 -0.35 -5.08 14.97
CA ALA A 176 -0.11 -4.01 14.02
C ALA A 176 0.23 -4.59 12.65
N TYR A 177 1.12 -5.58 12.65
CA TYR A 177 1.47 -6.25 11.43
C TYR A 177 0.32 -7.08 10.85
N ALA A 178 -0.40 -7.79 11.71
CA ALA A 178 -1.58 -8.55 11.26
C ALA A 178 -2.55 -7.64 10.52
N ILE A 179 -2.85 -6.47 11.07
CA ILE A 179 -3.75 -5.51 10.41
C ILE A 179 -3.14 -4.88 9.13
N ALA A 180 -1.95 -4.28 9.25
CA ALA A 180 -1.36 -3.49 8.18
C ALA A 180 -1.00 -4.37 6.98
N SER A 181 -0.42 -5.53 7.26
CA SER A 181 -0.01 -6.46 6.22
C SER A 181 -1.22 -7.11 5.52
N SER A 182 -2.25 -7.46 6.27
CA SER A 182 -3.48 -7.98 5.70
C SER A 182 -4.13 -6.96 4.75
N ILE A 183 -4.18 -5.70 5.16
CA ILE A 183 -4.76 -4.62 4.36
C ILE A 183 -3.94 -4.39 3.09
N ILE A 184 -2.61 -4.36 3.23
CA ILE A 184 -1.70 -4.03 2.13
C ILE A 184 -1.57 -5.14 1.09
N SER A 185 -1.42 -6.36 1.57
CA SER A 185 -1.27 -7.49 0.69
C SER A 185 -2.59 -8.01 0.17
N PHE A 186 -3.68 -7.93 0.97
CA PHE A 186 -4.90 -8.63 0.63
C PHE A 186 -6.15 -7.78 0.45
N TYR A 187 -6.60 -7.12 1.50
CA TYR A 187 -7.89 -6.40 1.46
C TYR A 187 -7.96 -5.29 0.40
N ILE A 188 -6.90 -4.50 0.26
CA ILE A 188 -6.96 -3.38 -0.69
C ILE A 188 -7.06 -3.90 -2.13
N PRO A 189 -6.17 -4.81 -2.53
CA PRO A 189 -6.33 -5.32 -3.88
C PRO A 189 -7.58 -6.17 -4.07
N LEU A 190 -8.07 -6.80 -3.01
CA LEU A 190 -9.35 -7.52 -3.08
C LEU A 190 -10.50 -6.59 -3.46
N LEU A 191 -10.55 -5.43 -2.81
CA LEU A 191 -11.64 -4.48 -3.00
C LEU A 191 -11.56 -3.88 -4.40
N ILE A 192 -10.35 -3.47 -4.81
CA ILE A 192 -10.14 -2.96 -6.14
C ILE A 192 -10.60 -3.98 -7.19
N MET A 193 -10.15 -5.22 -7.03
CA MET A 193 -10.52 -6.28 -7.95
C MET A 193 -12.04 -6.46 -8.07
N ILE A 194 -12.75 -6.48 -6.93
CA ILE A 194 -14.22 -6.62 -6.91
C ILE A 194 -14.95 -5.41 -7.54
N PHE A 195 -14.56 -4.22 -7.16
CA PHE A 195 -15.08 -3.01 -7.77
C PHE A 195 -14.93 -3.08 -9.31
N VAL A 196 -13.73 -3.41 -9.81
CA VAL A 196 -13.50 -3.42 -11.26
C VAL A 196 -14.24 -4.58 -11.93
N ALA A 197 -14.27 -5.74 -11.28
CA ALA A 197 -14.94 -6.89 -11.89
C ALA A 197 -16.48 -6.70 -12.02
N LEU A 198 -17.10 -5.94 -11.10
CA LEU A 198 -18.51 -5.56 -11.22
C LEU A 198 -18.75 -4.57 -12.37
N ARG A 199 -17.85 -3.60 -12.53
CA ARG A 199 -17.95 -2.69 -13.65
C ARG A 199 -17.85 -3.46 -14.99
N VAL A 200 -16.98 -4.47 -15.04
CA VAL A 200 -16.77 -5.22 -16.26
C VAL A 200 -18.06 -5.96 -16.59
N TYR A 201 -18.73 -6.43 -15.54
CA TYR A 201 -20.00 -7.16 -15.66
C TYR A 201 -21.11 -6.24 -16.19
N ARG A 202 -21.26 -5.07 -15.58
CA ARG A 202 -22.15 -4.04 -16.07
C ARG A 202 -21.92 -3.73 -17.56
N GLU A 203 -20.66 -3.54 -17.96
CA GLU A 203 -20.31 -3.23 -19.35
C GLU A 203 -20.57 -4.39 -20.31
N ALA A 204 -20.33 -5.61 -19.84
CA ALA A 204 -20.66 -6.79 -20.62
C ALA A 204 -22.15 -6.87 -20.89
N LYS A 205 -22.96 -6.48 -19.91
CA LYS A 205 -24.42 -6.50 -20.04
C LYS A 205 -24.94 -5.44 -21.02
N GLU A 206 -24.20 -4.34 -21.18
CA GLU A 206 -24.55 -3.30 -22.15
C GLU A 206 -24.10 -3.61 -23.59
N GLN A 207 -23.66 -4.84 -23.86
CA GLN A 207 -23.21 -5.21 -25.20
C GLN A 207 -24.29 -6.02 -25.91
N SER A 220 -20.28 -12.97 -35.53
CA SER A 220 -20.56 -11.76 -34.76
C SER A 220 -21.18 -12.11 -33.40
N ARG A 221 -22.34 -12.76 -33.42
CA ARG A 221 -23.04 -13.17 -32.20
C ARG A 221 -22.30 -14.32 -31.51
N VAL A 222 -21.79 -15.25 -32.32
CA VAL A 222 -21.01 -16.40 -31.82
C VAL A 222 -19.65 -15.96 -31.29
N MET A 223 -19.11 -14.86 -31.81
CA MET A 223 -17.84 -14.30 -31.35
C MET A 223 -18.02 -13.50 -30.04
N LEU A 224 -19.14 -12.81 -29.89
CA LEU A 224 -19.50 -12.14 -28.64
C LEU A 224 -19.75 -13.18 -27.53
N MET A 225 -20.33 -14.31 -27.90
CA MET A 225 -20.56 -15.42 -26.99
C MET A 225 -19.25 -16.01 -26.47
N ARG A 226 -18.30 -16.25 -27.39
CA ARG A 226 -17.01 -16.86 -27.03
C ARG A 226 -16.21 -15.99 -26.07
N GLU A 227 -16.28 -14.67 -26.27
CA GLU A 227 -15.62 -13.72 -25.40
C GLU A 227 -16.25 -13.75 -24.00
N HIS A 228 -17.59 -13.71 -23.96
CA HIS A 228 -18.33 -13.79 -22.69
C HIS A 228 -18.09 -15.05 -21.92
N LYS A 229 -17.87 -16.17 -22.61
CA LYS A 229 -17.49 -17.41 -21.95
C LYS A 229 -16.12 -17.24 -21.25
N ALA A 230 -15.20 -16.54 -21.92
CA ALA A 230 -13.85 -16.31 -21.42
C ALA A 230 -13.85 -15.33 -20.24
N LEU A 231 -14.67 -14.28 -20.33
CA LEU A 231 -14.82 -13.34 -19.23
C LEU A 231 -15.36 -14.01 -17.97
N LYS A 232 -16.24 -14.98 -18.15
CA LYS A 232 -16.84 -15.68 -17.02
C LYS A 232 -15.82 -16.61 -16.38
N THR A 233 -14.94 -17.21 -17.21
CA THR A 233 -13.82 -18.00 -16.69
C THR A 233 -12.94 -17.16 -15.75
N LEU A 234 -12.56 -15.96 -16.19
CA LEU A 234 -11.80 -15.03 -15.37
C LEU A 234 -12.56 -14.64 -14.11
N GLY A 235 -13.86 -14.42 -14.25
CA GLY A 235 -14.73 -14.13 -13.11
C GLY A 235 -14.77 -15.27 -12.10
N ILE A 236 -14.65 -16.50 -12.58
CA ILE A 236 -14.66 -17.66 -11.70
C ILE A 236 -13.35 -17.85 -10.96
N ILE A 237 -12.20 -17.66 -11.62
CA ILE A 237 -10.92 -17.73 -10.91
C ILE A 237 -10.84 -16.66 -9.80
N MET A 238 -11.37 -15.47 -10.08
CA MET A 238 -11.45 -14.38 -9.09
C MET A 238 -12.35 -14.73 -7.89
N GLY A 239 -13.52 -15.30 -8.15
CA GLY A 239 -14.49 -15.61 -7.09
C GLY A 239 -14.01 -16.79 -6.25
N VAL A 240 -13.43 -17.79 -6.90
CA VAL A 240 -12.89 -18.93 -6.18
C VAL A 240 -11.63 -18.52 -5.36
N PHE A 241 -10.87 -17.53 -5.81
CA PHE A 241 -9.69 -17.08 -5.04
C PHE A 241 -10.16 -16.43 -3.76
N THR A 242 -11.17 -15.59 -3.91
CA THR A 242 -11.83 -14.94 -2.80
C THR A 242 -12.41 -15.94 -1.80
N LEU A 243 -13.16 -16.93 -2.30
CA LEU A 243 -13.73 -17.95 -1.44
C LEU A 243 -12.65 -18.74 -0.71
N CYS A 244 -11.53 -18.98 -1.36
CA CYS A 244 -10.44 -19.72 -0.75
C CYS A 244 -9.61 -18.96 0.30
N TRP A 245 -9.46 -17.63 0.16
CA TRP A 245 -8.58 -16.84 1.05
C TRP A 245 -9.28 -15.92 2.01
N LEU A 246 -10.47 -15.44 1.66
CA LEU A 246 -11.19 -14.51 2.52
C LEU A 246 -11.44 -15.09 3.92
N PRO A 247 -11.89 -16.36 4.03
CA PRO A 247 -12.07 -16.90 5.40
C PRO A 247 -10.80 -16.79 6.27
N PHE A 248 -9.66 -17.26 5.78
CA PHE A 248 -8.37 -17.06 6.45
C PHE A 248 -8.15 -15.58 6.88
N PHE A 249 -8.30 -14.63 5.96
CA PHE A 249 -8.00 -13.23 6.30
C PHE A 249 -9.04 -12.58 7.20
N LEU A 250 -10.28 -13.07 7.17
CA LEU A 250 -11.29 -12.60 8.14
C LEU A 250 -10.92 -13.10 9.54
N VAL A 251 -10.54 -14.37 9.66
CA VAL A 251 -10.12 -14.91 10.95
C VAL A 251 -8.84 -14.23 11.41
N ASN A 252 -7.92 -13.92 10.50
CA ASN A 252 -6.71 -13.20 10.89
C ASN A 252 -7.02 -11.86 11.62
N ILE A 253 -8.01 -11.13 11.13
CA ILE A 253 -8.45 -9.87 11.76
C ILE A 253 -9.23 -10.13 13.07
N VAL A 254 -10.12 -11.13 13.08
CA VAL A 254 -10.90 -11.44 14.27
C VAL A 254 -9.96 -11.80 15.42
N ASN A 255 -8.92 -12.57 15.14
CA ASN A 255 -7.97 -13.02 16.14
C ASN A 255 -7.27 -11.86 16.85
N VAL A 256 -7.08 -10.75 16.14
CA VAL A 256 -6.47 -9.55 16.70
C VAL A 256 -7.30 -9.00 17.88
N PHE A 257 -8.62 -9.07 17.73
CA PHE A 257 -9.59 -8.48 18.67
C PHE A 257 -10.08 -9.47 19.72
N ASN A 258 -10.20 -10.74 19.34
CA ASN A 258 -10.63 -11.78 20.24
C ASN A 258 -10.20 -13.17 19.74
N ARG A 259 -9.24 -13.77 20.44
CA ARG A 259 -8.73 -15.11 20.10
C ARG A 259 -9.70 -16.28 20.37
N ASP A 260 -10.83 -16.06 21.03
CA ASP A 260 -11.71 -17.20 21.37
C ASP A 260 -12.87 -17.42 20.40
N LEU A 261 -13.23 -16.41 19.60
CA LEU A 261 -14.39 -16.56 18.72
C LEU A 261 -14.24 -17.69 17.73
N VAL A 262 -13.02 -17.91 17.25
CA VAL A 262 -12.80 -18.93 16.24
C VAL A 262 -11.77 -19.95 16.71
N PRO A 263 -12.16 -21.22 16.79
CA PRO A 263 -11.23 -22.28 17.21
C PRO A 263 -10.00 -22.32 16.31
N ASP A 264 -8.87 -22.72 16.87
CA ASP A 264 -7.62 -22.70 16.15
C ASP A 264 -7.55 -23.69 14.99
N TRP A 265 -8.20 -24.85 15.14
CA TRP A 265 -8.16 -25.89 14.12
C TRP A 265 -8.80 -25.36 12.84
N LEU A 266 -9.85 -24.54 12.98
CA LEU A 266 -10.56 -23.96 11.84
C LEU A 266 -9.70 -22.85 11.14
N PHE A 267 -8.93 -22.11 11.91
CA PHE A 267 -7.99 -21.10 11.38
C PHE A 267 -6.92 -21.78 10.52
N VAL A 268 -6.32 -22.83 11.06
CA VAL A 268 -5.40 -23.69 10.33
C VAL A 268 -6.07 -24.30 9.10
N ALA A 269 -7.30 -24.76 9.21
CA ALA A 269 -8.00 -25.38 8.06
C ALA A 269 -8.17 -24.36 6.94
N PHE A 270 -8.57 -23.15 7.30
CA PHE A 270 -8.68 -22.05 6.37
C PHE A 270 -7.36 -21.70 5.66
N ASN A 271 -6.20 -21.87 6.31
CA ASN A 271 -4.92 -21.60 5.66
C ASN A 271 -4.74 -22.65 4.58
N TRP A 272 -5.08 -23.92 4.88
CA TRP A 272 -4.96 -25.02 3.89
C TRP A 272 -5.92 -24.89 2.72
N LEU A 273 -7.11 -24.37 2.96
CA LEU A 273 -8.00 -24.03 1.88
C LEU A 273 -7.34 -23.01 0.92
N GLY A 274 -6.65 -22.01 1.49
CA GLY A 274 -5.91 -21.03 0.72
C GLY A 274 -4.85 -21.71 -0.14
N TYR A 275 -4.04 -22.56 0.47
CA TYR A 275 -3.05 -23.31 -0.29
C TYR A 275 -3.68 -24.14 -1.43
N ALA A 276 -4.85 -24.74 -1.14
CA ALA A 276 -5.58 -25.57 -2.13
C ALA A 276 -5.96 -24.79 -3.41
N ASN A 277 -6.10 -23.48 -3.28
CA ASN A 277 -6.43 -22.64 -4.42
C ASN A 277 -5.45 -22.77 -5.57
N SER A 278 -4.19 -23.06 -5.24
CA SER A 278 -3.11 -23.17 -6.22
C SER A 278 -3.28 -24.34 -7.20
N ALA A 279 -4.10 -25.33 -6.84
CA ALA A 279 -4.47 -26.45 -7.74
C ALA A 279 -5.75 -26.21 -8.56
N MET A 280 -6.48 -25.14 -8.32
CA MET A 280 -7.80 -24.97 -8.91
C MET A 280 -7.86 -24.31 -10.30
N ASN A 281 -6.96 -23.37 -10.60
CA ASN A 281 -7.06 -22.63 -11.86
C ASN A 281 -6.86 -23.51 -13.11
N PRO A 282 -5.88 -24.43 -13.09
CA PRO A 282 -5.75 -25.32 -14.21
C PRO A 282 -7.02 -26.09 -14.55
N ILE A 283 -7.76 -26.51 -13.53
CA ILE A 283 -9.02 -27.19 -13.75
C ILE A 283 -10.05 -26.23 -14.34
N ILE A 284 -10.16 -25.05 -13.78
CA ILE A 284 -11.11 -24.08 -14.23
C ILE A 284 -10.87 -23.64 -15.68
N TYR A 285 -9.60 -23.66 -16.12
CA TYR A 285 -9.27 -23.33 -17.50
C TYR A 285 -9.70 -24.41 -18.52
N CYS A 286 -10.04 -25.60 -18.03
CA CYS A 286 -10.66 -26.63 -18.88
C CYS A 286 -12.01 -26.22 -19.43
N ARG A 287 -12.60 -25.15 -18.92
CA ARG A 287 -13.80 -24.56 -19.55
C ARG A 287 -13.55 -24.06 -20.98
N SER A 288 -12.28 -23.83 -21.32
CA SER A 288 -11.88 -23.34 -22.63
C SER A 288 -11.45 -24.50 -23.53
N PRO A 289 -12.02 -24.57 -24.76
CA PRO A 289 -11.62 -25.56 -25.78
C PRO A 289 -10.12 -25.53 -26.09
N ASP A 290 -9.59 -24.33 -26.32
CA ASP A 290 -8.18 -24.13 -26.65
C ASP A 290 -7.22 -24.70 -25.60
N PHE A 291 -7.52 -24.43 -24.32
CA PHE A 291 -6.73 -24.98 -23.20
C PHE A 291 -6.87 -26.50 -23.16
N ARG A 292 -8.10 -26.97 -23.24
CA ARG A 292 -8.40 -28.42 -23.25
C ARG A 292 -7.60 -29.15 -24.34
N LYS A 293 -7.60 -28.60 -25.56
CA LYS A 293 -6.84 -29.17 -26.68
C LYS A 293 -5.32 -29.17 -26.44
N ALA A 294 -4.77 -28.06 -25.94
CA ALA A 294 -3.34 -28.01 -25.63
C ALA A 294 -2.97 -28.97 -24.50
N PHE A 295 -3.84 -29.10 -23.50
CA PHE A 295 -3.59 -30.04 -22.39
C PHE A 295 -3.54 -31.47 -22.91
N LYS A 296 -4.53 -31.84 -23.71
CA LYS A 296 -4.58 -33.18 -24.30
C LYS A 296 -3.32 -33.47 -25.11
N ARG A 297 -2.99 -32.56 -26.03
CA ARG A 297 -1.77 -32.68 -26.82
C ARG A 297 -0.49 -32.82 -26.00
N LEU A 298 -0.34 -32.01 -24.94
CA LEU A 298 0.90 -32.00 -24.15
C LEU A 298 1.07 -33.28 -23.34
N LEU A 299 -0.03 -33.79 -22.81
CA LEU A 299 -0.02 -35.07 -22.10
C LEU A 299 0.23 -36.28 -23.04
N ALA A 300 0.10 -36.06 -24.35
CA ALA A 300 0.45 -37.04 -25.38
C ALA A 300 0.68 -38.44 -24.84
N GLY B 2 26.86 41.82 -16.28
CA GLY B 2 25.67 41.74 -17.20
C GLY B 2 24.86 40.50 -16.88
N ALA B 3 25.37 39.34 -17.32
CA ALA B 3 24.86 38.05 -16.91
C ALA B 3 25.32 37.78 -15.47
N GLU B 4 26.52 38.26 -15.14
CA GLU B 4 27.06 38.12 -13.79
C GLU B 4 26.24 38.89 -12.73
N LEU B 5 25.65 40.01 -13.11
CA LEU B 5 24.86 40.81 -12.18
C LEU B 5 23.48 40.19 -11.98
N LEU B 6 22.83 39.82 -13.08
CA LEU B 6 21.51 39.18 -13.06
C LEU B 6 21.55 37.88 -12.22
N SER B 7 22.68 37.20 -12.28
CA SER B 7 22.92 35.97 -11.55
C SER B 7 23.14 36.25 -10.06
N GLN B 8 23.86 37.31 -9.76
CA GLN B 8 24.09 37.72 -8.37
C GLN B 8 22.79 38.22 -7.70
N GLN B 9 21.92 38.85 -8.49
CA GLN B 9 20.63 39.30 -7.98
C GLN B 9 19.71 38.11 -7.68
N TRP B 10 19.76 37.11 -8.55
CA TRP B 10 18.94 35.92 -8.36
C TRP B 10 19.46 35.06 -7.22
N GLU B 11 20.77 34.84 -7.12
CA GLU B 11 21.27 34.01 -6.03
C GLU B 11 20.99 34.54 -4.62
N ALA B 12 21.33 35.81 -4.37
CA ALA B 12 21.08 36.43 -3.05
C ALA B 12 19.58 36.56 -2.77
N GLY B 13 18.82 36.94 -3.79
CA GLY B 13 17.37 37.06 -3.66
C GLY B 13 16.75 35.73 -3.30
N MET B 14 17.09 34.69 -4.06
CA MET B 14 16.41 33.41 -3.86
C MET B 14 16.94 32.77 -2.59
N SER B 15 18.19 33.04 -2.24
CA SER B 15 18.69 32.58 -0.96
C SER B 15 17.88 33.13 0.20
N LEU B 16 17.47 34.39 0.09
CA LEU B 16 16.67 35.05 1.12
C LEU B 16 15.28 34.45 1.21
N LEU B 17 14.60 34.37 0.06
CA LEU B 17 13.28 33.74 0.00
C LEU B 17 13.34 32.31 0.60
N MET B 18 14.32 31.51 0.17
CA MET B 18 14.49 30.15 0.69
C MET B 18 14.78 30.08 2.21
N ALA B 19 15.53 31.04 2.73
CA ALA B 19 15.75 31.12 4.18
C ALA B 19 14.44 31.49 4.93
N LEU B 20 13.64 32.37 4.37
CA LEU B 20 12.34 32.68 4.96
C LEU B 20 11.46 31.39 5.04
N VAL B 21 11.36 30.68 3.93
CA VAL B 21 10.53 29.47 3.87
C VAL B 21 10.98 28.46 4.91
N VAL B 22 12.29 28.27 5.01
CA VAL B 22 12.85 27.30 5.92
C VAL B 22 12.45 27.67 7.34
N LEU B 23 12.57 28.96 7.62
CA LEU B 23 12.39 29.50 8.95
C LEU B 23 10.95 29.37 9.40
N LEU B 24 10.04 29.66 8.47
CA LEU B 24 8.62 29.52 8.69
C LEU B 24 8.25 28.04 8.97
N ILE B 25 8.78 27.11 8.18
CA ILE B 25 8.45 25.69 8.34
C ILE B 25 8.97 25.23 9.69
N VAL B 26 10.24 25.55 9.98
CA VAL B 26 10.86 25.05 11.22
C VAL B 26 10.25 25.69 12.46
N ALA B 27 10.17 27.02 12.48
CA ALA B 27 9.63 27.72 13.66
C ALA B 27 8.21 27.24 13.95
N GLY B 28 7.36 27.27 12.94
CA GLY B 28 5.96 26.85 13.09
C GLY B 28 5.81 25.43 13.69
N ASN B 29 6.61 24.49 13.20
CA ASN B 29 6.43 23.08 13.56
C ASN B 29 7.08 22.73 14.90
N VAL B 30 8.20 23.39 15.19
CA VAL B 30 8.74 23.38 16.56
C VAL B 30 7.71 23.94 17.55
N LEU B 31 7.02 25.02 17.18
CA LEU B 31 5.97 25.57 18.06
C LEU B 31 4.83 24.57 18.29
N VAL B 32 4.35 23.92 17.23
CA VAL B 32 3.30 22.95 17.37
C VAL B 32 3.76 21.87 18.34
N ILE B 33 4.97 21.35 18.13
CA ILE B 33 5.48 20.23 18.94
C ILE B 33 5.70 20.66 20.39
N ALA B 34 6.28 21.84 20.60
CA ALA B 34 6.53 22.34 21.95
C ALA B 34 5.20 22.67 22.66
N ALA B 35 4.26 23.24 21.93
CA ALA B 35 2.92 23.50 22.47
C ALA B 35 2.26 22.23 23.02
N ILE B 36 2.17 21.19 22.19
CA ILE B 36 1.54 19.94 22.58
C ILE B 36 2.34 19.29 23.71
N GLY B 37 3.66 19.32 23.61
CA GLY B 37 4.55 18.67 24.56
C GLY B 37 4.60 19.32 25.95
N SER B 38 4.04 20.52 26.09
CA SER B 38 4.11 21.25 27.36
C SER B 38 2.76 21.77 27.85
N THR B 39 1.67 21.40 27.21
CA THR B 39 0.33 21.85 27.59
C THR B 39 -0.58 20.62 27.78
N GLN B 40 -0.86 20.29 29.03
CA GLN B 40 -1.57 19.05 29.39
C GLN B 40 -2.90 18.94 28.67
N ARG B 41 -3.55 20.08 28.48
CA ARG B 41 -4.81 20.12 27.77
C ARG B 41 -4.71 19.82 26.25
N LEU B 42 -3.53 19.99 25.67
CA LEU B 42 -3.33 19.65 24.26
C LEU B 42 -2.89 18.20 24.07
N GLN B 43 -2.65 17.48 25.18
CA GLN B 43 -2.15 16.13 25.10
C GLN B 43 -3.30 15.14 24.95
N THR B 44 -4.05 15.29 23.87
CA THR B 44 -4.99 14.28 23.45
C THR B 44 -4.35 13.23 22.55
N LEU B 45 -5.00 12.07 22.43
CA LEU B 45 -4.60 11.03 21.48
C LEU B 45 -4.54 11.60 20.06
N THR B 46 -5.56 12.32 19.64
CA THR B 46 -5.56 12.93 18.33
C THR B 46 -4.27 13.73 18.11
N ASN B 47 -3.82 14.41 19.17
CA ASN B 47 -2.68 15.30 19.03
C ASN B 47 -1.35 14.56 18.99
N LEU B 48 -1.34 13.28 19.33
CA LEU B 48 -0.17 12.45 19.09
C LEU B 48 0.02 12.31 17.58
N PHE B 49 -1.08 12.20 16.85
CA PHE B 49 -1.01 12.08 15.39
C PHE B 49 -0.58 13.44 14.81
N ILE B 50 -1.08 14.53 15.40
CA ILE B 50 -0.69 15.87 14.96
C ILE B 50 0.82 16.08 15.10
N THR B 51 1.41 15.58 16.18
CA THR B 51 2.82 15.69 16.45
C THR B 51 3.64 14.96 15.40
N SER B 52 3.15 13.79 15.03
CA SER B 52 3.73 12.99 13.98
C SER B 52 3.76 13.74 12.65
N LEU B 53 2.63 14.34 12.30
CA LEU B 53 2.51 15.18 11.10
C LEU B 53 3.47 16.40 11.14
N ALA B 54 3.62 16.99 12.33
CA ALA B 54 4.58 18.07 12.55
C ALA B 54 6.03 17.61 12.41
N CYS B 55 6.31 16.37 12.80
CA CYS B 55 7.65 15.78 12.61
C CYS B 55 8.00 15.58 11.14
N ALA B 56 7.03 15.12 10.32
CA ALA B 56 7.19 15.05 8.87
C ALA B 56 7.48 16.45 8.33
N ASP B 57 6.69 17.45 8.72
CA ASP B 57 6.89 18.82 8.20
C ASP B 57 8.23 19.40 8.71
N LEU B 58 8.62 19.09 9.94
CA LEU B 58 9.95 19.47 10.45
C LEU B 58 11.11 18.90 9.60
N VAL B 59 11.03 17.62 9.25
CA VAL B 59 12.04 17.02 8.39
C VAL B 59 12.10 17.72 7.03
N VAL B 60 10.95 18.13 6.50
CA VAL B 60 10.94 18.88 5.25
C VAL B 60 11.69 20.23 5.44
N GLY B 61 11.45 20.88 6.56
CA GLY B 61 12.08 22.16 6.88
C GLY B 61 13.58 22.11 7.05
N LEU B 62 14.05 21.08 7.72
CA LEU B 62 15.44 20.93 8.11
C LEU B 62 16.29 20.25 7.04
N LEU B 63 15.69 19.37 6.24
CA LEU B 63 16.47 18.58 5.28
C LEU B 63 15.97 18.71 3.86
N VAL B 64 14.68 18.53 3.61
CA VAL B 64 14.24 18.43 2.21
C VAL B 64 14.36 19.81 1.58
N VAL B 65 13.78 20.84 2.20
CA VAL B 65 13.79 22.14 1.56
C VAL B 65 15.19 22.80 1.44
N PRO B 66 16.02 22.78 2.49
CA PRO B 66 17.39 23.30 2.35
C PRO B 66 18.17 22.74 1.17
N PHE B 67 18.18 21.42 1.01
CA PHE B 67 18.88 20.80 -0.12
C PHE B 67 18.27 21.25 -1.43
N GLY B 68 16.95 21.27 -1.50
CA GLY B 68 16.27 21.70 -2.73
C GLY B 68 16.49 23.18 -3.03
N ALA B 69 16.70 23.97 -1.98
CA ALA B 69 17.08 25.38 -2.13
C ALA B 69 18.43 25.49 -2.84
N THR B 70 19.43 24.73 -2.38
CA THR B 70 20.74 24.76 -3.02
C THR B 70 20.62 24.49 -4.54
N LEU B 71 19.72 23.59 -4.92
CA LEU B 71 19.47 23.28 -6.33
C LEU B 71 18.78 24.41 -7.09
N VAL B 72 17.84 25.09 -6.45
CA VAL B 72 17.13 26.19 -7.08
C VAL B 72 18.07 27.41 -7.19
N VAL B 73 18.71 27.78 -6.08
CA VAL B 73 19.68 28.86 -6.06
C VAL B 73 20.88 28.68 -7.06
N ARG B 74 21.48 27.48 -7.14
CA ARG B 74 22.70 27.31 -7.97
C ARG B 74 22.49 26.69 -9.37
N GLY B 75 21.39 26.02 -9.61
CA GLY B 75 21.16 25.42 -10.92
C GLY B 75 21.80 24.04 -11.09
N THR B 76 22.43 23.51 -10.05
CA THR B 76 23.01 22.18 -10.11
C THR B 76 23.08 21.58 -8.74
N TRP B 77 23.24 20.26 -8.73
CA TRP B 77 23.39 19.47 -7.53
C TRP B 77 24.82 19.48 -7.09
N LEU B 78 25.08 19.92 -5.87
CA LEU B 78 26.45 20.06 -5.36
C LEU B 78 26.89 18.98 -4.42
N TRP B 79 26.02 18.03 -4.08
CA TRP B 79 26.30 17.21 -2.89
C TRP B 79 26.65 15.80 -3.14
N GLY B 80 26.71 15.42 -4.41
CA GLY B 80 27.05 14.02 -4.76
C GLY B 80 25.88 13.06 -4.84
N SER B 81 26.17 11.85 -5.33
CA SER B 81 25.09 10.92 -5.73
C SER B 81 24.46 10.23 -4.52
N PHE B 82 25.24 9.94 -3.50
CA PHE B 82 24.67 9.32 -2.32
C PHE B 82 23.63 10.26 -1.67
N LEU B 83 24.03 11.51 -1.45
CA LEU B 83 23.14 12.45 -0.80
C LEU B 83 21.94 12.81 -1.71
N CYS B 84 22.15 12.79 -3.01
CA CYS B 84 21.05 12.97 -3.95
C CYS B 84 19.95 11.91 -3.73
N GLU B 85 20.36 10.65 -3.59
CA GLU B 85 19.44 9.54 -3.34
C GLU B 85 18.83 9.59 -1.95
N LEU B 86 19.62 10.00 -0.97
CA LEU B 86 19.11 10.11 0.38
C LEU B 86 18.06 11.22 0.47
N TRP B 87 18.37 12.35 -0.14
CA TRP B 87 17.50 13.49 -0.17
C TRP B 87 16.20 13.12 -0.84
N THR B 88 16.26 12.46 -1.99
CA THR B 88 15.05 12.04 -2.71
C THR B 88 14.21 11.04 -1.90
N SER B 89 14.88 10.12 -1.22
CA SER B 89 14.21 9.17 -0.31
C SER B 89 13.49 9.84 0.82
N LEU B 90 14.12 10.84 1.43
CA LEU B 90 13.49 11.60 2.51
C LEU B 90 12.29 12.43 2.04
N ASP B 91 12.41 13.04 0.86
CA ASP B 91 11.30 13.74 0.19
C ASP B 91 10.07 12.81 0.03
N VAL B 92 10.24 11.68 -0.66
CA VAL B 92 9.17 10.70 -0.83
C VAL B 92 8.61 10.21 0.53
N LEU B 93 9.49 9.95 1.48
CA LEU B 93 9.10 9.53 2.80
C LEU B 93 8.13 10.47 3.48
N CYS B 94 8.45 11.76 3.48
CA CYS B 94 7.64 12.76 4.17
C CYS B 94 6.22 13.00 3.57
N VAL B 95 6.11 12.91 2.25
CA VAL B 95 4.80 13.00 1.61
C VAL B 95 3.94 11.80 2.01
N THR B 96 4.54 10.62 1.92
CA THR B 96 3.91 9.33 2.22
C THR B 96 3.46 9.28 3.66
N ALA B 97 4.34 9.65 4.59
CA ALA B 97 4.00 9.70 6.02
C ALA B 97 2.84 10.68 6.32
N SER B 98 2.90 11.87 5.71
CA SER B 98 1.88 12.89 5.92
C SER B 98 0.47 12.41 5.56
N ILE B 99 0.30 11.95 4.32
CA ILE B 99 -1.00 11.51 3.86
C ILE B 99 -1.46 10.24 4.62
N GLU B 100 -0.56 9.31 4.93
CA GLU B 100 -0.97 8.17 5.73
C GLU B 100 -1.43 8.59 7.15
N THR B 101 -0.75 9.58 7.71
CA THR B 101 -1.12 10.11 9.01
C THR B 101 -2.47 10.87 8.97
N LEU B 102 -2.70 11.64 7.91
CA LEU B 102 -4.01 12.30 7.72
C LEU B 102 -5.14 11.28 7.64
N CYS B 103 -4.83 10.16 7.04
CA CYS B 103 -5.81 9.12 6.80
C CYS B 103 -6.14 8.46 8.17
N VAL B 104 -5.13 8.26 9.00
CA VAL B 104 -5.32 7.78 10.37
C VAL B 104 -6.16 8.74 11.21
N ILE B 105 -5.83 10.04 11.14
CA ILE B 105 -6.60 11.06 11.84
C ILE B 105 -8.10 11.01 11.41
N ALA B 106 -8.36 10.88 10.12
CA ALA B 106 -9.74 10.81 9.66
C ALA B 106 -10.45 9.62 10.29
N ILE B 107 -9.76 8.47 10.36
CA ILE B 107 -10.30 7.24 10.89
C ILE B 107 -10.50 7.34 12.41
N ASP B 108 -9.55 7.99 13.09
CA ASP B 108 -9.65 8.20 14.52
C ASP B 108 -10.93 8.99 14.85
N ARG B 109 -11.20 10.05 14.07
CA ARG B 109 -12.36 10.90 14.33
C ARG B 109 -13.67 10.17 13.99
N TYR B 110 -13.65 9.44 12.89
CA TYR B 110 -14.78 8.64 12.53
C TYR B 110 -15.16 7.65 13.67
N LEU B 111 -14.16 6.96 14.23
CA LEU B 111 -14.40 6.06 15.35
C LEU B 111 -14.85 6.82 16.61
N ALA B 112 -14.29 8.00 16.83
CA ALA B 112 -14.64 8.85 17.96
C ALA B 112 -16.11 9.28 17.91
N ILE B 113 -16.58 9.60 16.73
CA ILE B 113 -17.90 10.18 16.55
C ILE B 113 -19.05 9.13 16.50
N THR B 114 -18.79 7.97 15.92
CA THR B 114 -19.81 6.93 15.73
C THR B 114 -19.88 6.00 16.92
N SER B 115 -18.75 5.77 17.58
CA SER B 115 -18.74 4.91 18.76
C SER B 115 -17.86 5.44 19.87
N PRO B 116 -18.26 6.56 20.49
CA PRO B 116 -17.46 7.24 21.49
C PRO B 116 -17.01 6.38 22.65
N PHE B 117 -17.84 5.42 23.08
CA PHE B 117 -17.56 4.64 24.30
C PHE B 117 -16.60 3.48 24.03
N ARG B 118 -16.81 2.78 22.93
CA ARG B 118 -15.85 1.80 22.44
C ARG B 118 -14.47 2.45 22.16
N TYR B 119 -14.48 3.60 21.48
CA TYR B 119 -13.27 4.38 21.20
C TYR B 119 -12.50 4.67 22.46
N GLN B 120 -13.21 5.15 23.49
CA GLN B 120 -12.66 5.36 24.82
C GLN B 120 -11.84 4.18 25.36
N SER B 121 -12.31 2.96 25.16
CA SER B 121 -11.59 1.78 25.67
C SER B 121 -10.61 1.16 24.67
N LEU B 122 -10.99 1.02 23.40
CA LEU B 122 -10.08 0.50 22.37
C LEU B 122 -8.78 1.34 22.25
N MET B 123 -8.90 2.67 22.27
CA MET B 123 -7.80 3.54 21.84
C MET B 123 -7.02 4.16 23.01
N THR B 124 -5.76 3.76 23.16
CA THR B 124 -4.93 4.21 24.26
C THR B 124 -3.67 4.89 23.70
N ARG B 125 -2.94 5.57 24.57
CA ARG B 125 -1.65 6.16 24.21
C ARG B 125 -0.69 5.15 23.57
N ALA B 126 -0.52 3.99 24.22
CA ALA B 126 0.33 2.92 23.70
C ALA B 126 -0.06 2.48 22.26
N ARG B 127 -1.36 2.37 21.99
CA ARG B 127 -1.84 1.96 20.69
C ARG B 127 -1.68 3.05 19.62
N ALA B 128 -1.96 4.29 19.98
CA ALA B 128 -1.67 5.43 19.14
C ALA B 128 -0.19 5.45 18.72
N LYS B 129 0.72 5.21 19.65
CA LYS B 129 2.14 5.16 19.35
C LYS B 129 2.49 4.03 18.39
N VAL B 130 1.90 2.84 18.58
CA VAL B 130 2.12 1.72 17.69
C VAL B 130 1.61 2.08 16.27
N ILE B 131 0.43 2.68 16.15
CA ILE B 131 -0.10 3.14 14.88
C ILE B 131 0.87 4.12 14.18
N ILE B 132 1.44 5.05 14.95
CA ILE B 132 2.35 6.03 14.41
C ILE B 132 3.62 5.35 13.90
N CYS B 133 4.17 4.44 14.70
CA CYS B 133 5.33 3.66 14.27
C CYS B 133 5.04 2.88 12.99
N THR B 134 3.80 2.38 12.87
CA THR B 134 3.44 1.55 11.77
C THR B 134 3.41 2.40 10.50
N VAL B 135 2.78 3.58 10.56
CA VAL B 135 2.78 4.53 9.46
C VAL B 135 4.21 4.86 8.99
N TRP B 136 5.09 5.20 9.92
CA TRP B 136 6.48 5.51 9.53
C TRP B 136 7.23 4.33 8.93
N ALA B 137 6.97 3.13 9.46
CA ALA B 137 7.55 1.90 8.93
C ALA B 137 7.10 1.62 7.49
N ILE B 138 5.79 1.71 7.24
CA ILE B 138 5.23 1.52 5.89
C ILE B 138 5.77 2.61 4.96
N SER B 139 5.80 3.85 5.44
CA SER B 139 6.30 4.93 4.62
C SER B 139 7.79 4.74 4.23
N ALA B 140 8.63 4.32 5.19
CA ALA B 140 10.04 4.01 4.93
C ALA B 140 10.19 2.89 3.91
N LEU B 141 9.41 1.84 4.08
CA LEU B 141 9.43 0.69 3.20
C LEU B 141 9.14 1.06 1.71
N VAL B 142 8.11 1.87 1.46
CA VAL B 142 7.74 2.21 0.08
C VAL B 142 8.53 3.38 -0.46
N SER B 143 9.42 3.97 0.36
CA SER B 143 10.22 5.10 -0.08
C SER B 143 11.73 4.78 -0.31
N PHE B 144 12.45 4.40 0.74
CA PHE B 144 13.92 4.13 0.64
C PHE B 144 14.29 2.97 -0.26
N LEU B 145 13.70 1.80 -0.01
CA LEU B 145 14.16 0.63 -0.73
C LEU B 145 13.98 0.76 -2.25
N PRO B 146 12.79 1.17 -2.73
CA PRO B 146 12.76 1.28 -4.21
C PRO B 146 13.68 2.37 -4.77
N ILE B 147 13.94 3.42 -4.02
CA ILE B 147 14.84 4.45 -4.53
C ILE B 147 16.30 3.98 -4.49
N MET B 148 16.70 3.37 -3.40
CA MET B 148 18.10 2.91 -3.29
C MET B 148 18.39 1.72 -4.21
N MET B 149 17.38 0.92 -4.59
CA MET B 149 17.55 -0.16 -5.57
C MET B 149 17.38 0.29 -7.02
N HIS B 150 17.15 1.58 -7.26
CA HIS B 150 17.07 2.09 -8.63
C HIS B 150 15.88 1.57 -9.42
N TRP B 151 14.83 1.13 -8.73
CA TRP B 151 13.63 0.66 -9.41
C TRP B 151 12.95 1.75 -10.21
N TRP B 152 13.25 3.00 -9.90
CA TRP B 152 12.65 4.16 -10.59
C TRP B 152 13.38 4.59 -11.84
N ARG B 153 14.56 4.02 -12.11
CA ARG B 153 15.35 4.47 -13.30
C ARG B 153 14.81 4.07 -14.64
N ASP B 154 14.88 5.00 -15.57
CA ASP B 154 14.48 4.75 -16.96
C ASP B 154 15.72 4.59 -17.86
N GLU B 155 15.49 4.26 -19.12
CA GLU B 155 16.54 3.99 -20.10
C GLU B 155 16.56 4.98 -21.28
N ASP B 156 15.54 5.79 -21.39
CA ASP B 156 15.57 7.02 -22.18
C ASP B 156 16.96 7.69 -22.15
N PRO B 157 17.41 8.23 -23.31
CA PRO B 157 18.66 9.01 -23.39
C PRO B 157 18.75 10.20 -22.43
N GLN B 158 17.68 10.97 -22.29
CA GLN B 158 17.71 12.11 -21.36
C GLN B 158 17.90 11.65 -19.91
N ALA B 159 17.27 10.53 -19.53
CA ALA B 159 17.42 9.96 -18.19
C ALA B 159 18.86 9.51 -17.96
N LEU B 160 19.43 8.87 -18.97
CA LEU B 160 20.82 8.36 -18.86
C LEU B 160 21.83 9.49 -18.71
N LYS B 161 21.63 10.57 -19.44
CA LYS B 161 22.43 11.76 -19.26
C LYS B 161 22.37 12.31 -17.84
N CYS B 162 21.17 12.37 -17.27
CA CYS B 162 21.02 12.88 -15.91
C CYS B 162 21.75 11.97 -14.91
N TYR B 163 21.63 10.66 -15.09
CA TYR B 163 22.24 9.71 -14.17
C TYR B 163 23.78 9.78 -14.25
N GLN B 164 24.33 10.07 -15.43
CA GLN B 164 25.80 10.23 -15.59
C GLN B 164 26.37 11.60 -15.16
N ASP B 165 25.53 12.58 -14.82
CA ASP B 165 25.97 13.93 -14.50
C ASP B 165 25.81 14.15 -13.00
N PRO B 166 26.94 14.24 -12.25
CA PRO B 166 26.84 14.49 -10.78
C PRO B 166 26.07 15.77 -10.40
N GLY B 167 26.03 16.76 -11.30
CA GLY B 167 25.29 17.99 -11.08
C GLY B 167 23.79 17.92 -11.38
N CYS B 168 23.30 16.75 -11.80
CA CYS B 168 21.86 16.49 -12.02
C CYS B 168 21.32 15.59 -10.90
N CYS B 169 20.32 16.09 -10.18
CA CYS B 169 19.54 15.25 -9.25
C CYS B 169 18.05 15.43 -9.58
N ASP B 170 17.73 15.38 -10.85
CA ASP B 170 16.36 15.32 -11.31
C ASP B 170 15.80 13.94 -10.99
N PHE B 171 14.59 13.90 -10.43
CA PHE B 171 13.91 12.64 -10.16
C PHE B 171 13.16 12.22 -11.44
N VAL B 172 13.95 11.81 -12.44
CA VAL B 172 13.45 11.34 -13.73
C VAL B 172 13.25 9.83 -13.66
N THR B 173 12.01 9.39 -13.73
CA THR B 173 11.67 8.01 -13.38
C THR B 173 11.06 7.34 -14.57
N ASN B 174 11.17 6.04 -14.66
CA ASN B 174 10.36 5.28 -15.58
C ASN B 174 8.86 5.38 -15.24
N ARG B 175 8.04 5.00 -16.21
CA ARG B 175 6.60 5.15 -16.12
C ARG B 175 5.94 4.23 -15.12
N ALA B 176 6.48 3.01 -14.98
CA ALA B 176 5.93 2.03 -14.05
C ALA B 176 6.01 2.55 -12.60
N TYR B 177 7.16 3.13 -12.27
CA TYR B 177 7.38 3.70 -10.96
C TYR B 177 6.54 4.94 -10.76
N ALA B 178 6.49 5.80 -11.77
CA ALA B 178 5.61 6.99 -11.66
C ALA B 178 4.21 6.57 -11.29
N ILE B 179 3.67 5.59 -12.01
CA ILE B 179 2.32 5.12 -11.72
C ILE B 179 2.22 4.39 -10.35
N ALA B 180 3.00 3.35 -10.13
CA ALA B 180 2.81 2.50 -8.95
C ALA B 180 3.15 3.26 -7.64
N SER B 181 4.20 4.06 -7.68
CA SER B 181 4.60 4.79 -6.48
C SER B 181 3.61 5.91 -6.15
N SER B 182 3.07 6.58 -7.18
CA SER B 182 2.02 7.60 -6.98
C SER B 182 0.73 7.01 -6.37
N ILE B 183 0.32 5.87 -6.89
CA ILE B 183 -0.84 5.17 -6.36
C ILE B 183 -0.62 4.72 -4.91
N ILE B 184 0.53 4.11 -4.62
CA ILE B 184 0.81 3.52 -3.33
C ILE B 184 1.03 4.58 -2.26
N SER B 185 1.82 5.61 -2.58
CA SER B 185 2.15 6.61 -1.62
C SER B 185 1.07 7.66 -1.50
N PHE B 186 0.34 7.95 -2.58
CA PHE B 186 -0.52 9.14 -2.59
C PHE B 186 -1.99 8.86 -2.90
N TYR B 187 -2.28 8.38 -4.09
CA TYR B 187 -3.69 8.27 -4.50
C TYR B 187 -4.54 7.33 -3.63
N ILE B 188 -4.01 6.18 -3.23
CA ILE B 188 -4.79 5.29 -2.40
C ILE B 188 -5.14 5.91 -1.03
N PRO B 189 -4.13 6.37 -0.27
CA PRO B 189 -4.47 7.02 0.99
C PRO B 189 -5.27 8.31 0.80
N LEU B 190 -5.11 9.02 -0.30
CA LEU B 190 -5.94 10.20 -0.58
C LEU B 190 -7.43 9.81 -0.70
N LEU B 191 -7.72 8.74 -1.42
CA LEU B 191 -9.11 8.32 -1.63
C LEU B 191 -9.73 7.81 -0.35
N ILE B 192 -8.97 7.04 0.43
CA ILE B 192 -9.43 6.60 1.73
C ILE B 192 -9.76 7.79 2.60
N MET B 193 -8.83 8.74 2.68
CA MET B 193 -8.97 9.90 3.55
C MET B 193 -10.24 10.71 3.20
N ILE B 194 -10.46 10.96 1.90
CA ILE B 194 -11.64 11.66 1.41
C ILE B 194 -12.97 10.91 1.66
N PHE B 195 -12.98 9.60 1.41
CA PHE B 195 -14.12 8.76 1.74
C PHE B 195 -14.46 8.82 3.24
N VAL B 196 -13.46 8.69 4.12
CA VAL B 196 -13.71 8.70 5.56
C VAL B 196 -14.08 10.11 6.06
N ALA B 197 -13.47 11.16 5.51
CA ALA B 197 -13.79 12.51 5.94
C ALA B 197 -15.25 12.89 5.58
N LEU B 198 -15.74 12.43 4.44
CA LEU B 198 -17.13 12.67 4.05
C LEU B 198 -18.12 11.92 4.94
N ARG B 199 -17.74 10.74 5.41
CA ARG B 199 -18.56 10.04 6.37
C ARG B 199 -18.59 10.76 7.71
N VAL B 200 -17.47 11.36 8.08
CA VAL B 200 -17.38 12.04 9.37
C VAL B 200 -18.30 13.25 9.29
N TYR B 201 -18.32 13.90 8.14
CA TYR B 201 -19.17 15.07 7.90
C TYR B 201 -20.65 14.71 8.03
N ARG B 202 -21.06 13.65 7.33
CA ARG B 202 -22.40 13.11 7.41
C ARG B 202 -22.81 12.83 8.86
N GLU B 203 -21.94 12.18 9.62
CA GLU B 203 -22.20 11.87 11.03
C GLU B 203 -22.29 13.11 11.90
N ALA B 204 -21.41 14.09 11.65
CA ALA B 204 -21.48 15.34 12.38
C ALA B 204 -22.85 16.02 12.16
N LYS B 205 -23.36 15.93 10.94
CA LYS B 205 -24.63 16.55 10.59
C LYS B 205 -25.83 15.84 11.24
N GLU B 206 -25.76 14.54 11.40
CA GLU B 206 -26.77 13.83 12.16
C GLU B 206 -26.77 14.17 13.67
N GLN B 207 -25.61 14.54 14.22
CA GLN B 207 -25.51 14.97 15.62
C GLN B 207 -26.19 16.32 15.89
N ILE B 208 -26.46 17.11 14.85
CA ILE B 208 -26.99 18.48 15.04
C ILE B 208 -28.51 18.53 14.98
N ARG B 209 -29.17 17.39 14.85
CA ARG B 209 -30.60 17.33 14.55
C ARG B 209 -31.47 18.11 15.58
N LYS B 210 -31.04 18.09 16.85
CA LYS B 210 -31.79 18.67 17.95
C LYS B 210 -31.05 19.83 18.64
N ILE B 211 -29.95 20.28 18.04
CA ILE B 211 -29.07 21.25 18.69
C ILE B 211 -29.66 22.66 18.83
N ASP B 212 -30.59 23.03 17.95
CA ASP B 212 -31.33 24.30 18.07
C ASP B 212 -32.54 24.25 19.00
N ARG B 213 -32.75 23.14 19.72
CA ARG B 213 -33.75 23.10 20.80
C ARG B 213 -33.37 24.02 21.94
N ALA B 214 -34.34 24.81 22.41
CA ALA B 214 -34.11 25.64 23.60
C ALA B 214 -33.60 24.79 24.76
N SER B 215 -34.14 23.56 24.89
CA SER B 215 -33.77 22.63 25.96
C SER B 215 -32.27 22.24 25.99
N LYS B 216 -31.58 22.40 24.85
CA LYS B 216 -30.14 22.07 24.75
C LYS B 216 -29.18 23.29 24.66
N ARG B 217 -29.73 24.50 24.75
CA ARG B 217 -28.95 25.73 24.51
C ARG B 217 -27.76 25.91 25.46
N LYS B 218 -27.97 25.70 26.76
CA LYS B 218 -26.96 26.09 27.75
C LYS B 218 -25.63 25.31 27.64
N THR B 219 -25.63 24.03 28.00
CA THR B 219 -24.38 23.26 28.07
C THR B 219 -24.07 22.44 26.80
N SER B 220 -25.06 21.68 26.35
CA SER B 220 -24.91 20.73 25.26
C SER B 220 -24.50 21.35 23.90
N ARG B 221 -25.20 22.40 23.49
CA ARG B 221 -24.97 23.02 22.17
C ARG B 221 -23.58 23.66 22.07
N VAL B 222 -23.10 24.18 23.18
CA VAL B 222 -21.80 24.82 23.20
C VAL B 222 -20.71 23.78 22.95
N MET B 223 -20.84 22.64 23.61
CA MET B 223 -19.86 21.57 23.47
C MET B 223 -19.85 21.01 22.05
N LEU B 224 -21.02 20.89 21.45
CA LEU B 224 -21.12 20.39 20.08
C LEU B 224 -20.53 21.35 19.03
N MET B 225 -20.72 22.66 19.22
CA MET B 225 -20.13 23.65 18.34
C MET B 225 -18.62 23.70 18.48
N ARG B 226 -18.12 23.46 19.69
CA ARG B 226 -16.70 23.38 19.95
C ARG B 226 -16.09 22.18 19.21
N GLU B 227 -16.66 21.00 19.43
CA GLU B 227 -16.21 19.77 18.78
C GLU B 227 -16.20 19.93 17.27
N HIS B 228 -17.26 20.51 16.73
CA HIS B 228 -17.40 20.69 15.29
C HIS B 228 -16.41 21.65 14.68
N LYS B 229 -15.98 22.64 15.46
CA LYS B 229 -15.01 23.60 15.02
C LYS B 229 -13.61 22.91 14.94
N ALA B 230 -13.27 22.10 15.93
CA ALA B 230 -12.04 21.30 15.91
C ALA B 230 -12.05 20.34 14.71
N LEU B 231 -13.20 19.72 14.48
CA LEU B 231 -13.36 18.85 13.33
C LEU B 231 -13.09 19.60 12.02
N LYS B 232 -13.55 20.85 11.96
CA LYS B 232 -13.41 21.66 10.75
C LYS B 232 -11.94 22.07 10.56
N THR B 233 -11.22 22.36 11.65
CA THR B 233 -9.79 22.58 11.60
C THR B 233 -9.09 21.36 10.93
N LEU B 234 -9.38 20.14 11.41
CA LEU B 234 -8.87 18.91 10.78
C LEU B 234 -9.27 18.80 9.32
N GLY B 235 -10.51 19.17 9.01
CA GLY B 235 -10.97 19.10 7.62
C GLY B 235 -10.19 20.08 6.74
N ILE B 236 -9.80 21.21 7.31
CA ILE B 236 -9.04 22.23 6.57
C ILE B 236 -7.58 21.76 6.28
N ILE B 237 -6.89 21.18 7.26
CA ILE B 237 -5.56 20.65 6.99
C ILE B 237 -5.60 19.57 5.92
N MET B 238 -6.63 18.72 5.93
CA MET B 238 -6.79 17.68 4.89
C MET B 238 -7.01 18.28 3.49
N GLY B 239 -7.89 19.29 3.41
CA GLY B 239 -8.22 19.89 2.13
C GLY B 239 -7.03 20.69 1.61
N VAL B 240 -6.37 21.41 2.49
CA VAL B 240 -5.24 22.21 2.05
C VAL B 240 -4.08 21.30 1.60
N PHE B 241 -3.90 20.14 2.26
CA PHE B 241 -2.88 19.18 1.83
C PHE B 241 -3.20 18.70 0.41
N THR B 242 -4.46 18.35 0.21
CA THR B 242 -4.94 17.95 -1.12
C THR B 242 -4.70 19.03 -2.18
N LEU B 243 -5.09 20.27 -1.88
CA LEU B 243 -4.88 21.38 -2.82
C LEU B 243 -3.40 21.56 -3.13
N CYS B 244 -2.55 21.42 -2.13
CA CYS B 244 -1.12 21.59 -2.33
C CYS B 244 -0.40 20.49 -3.12
N TRP B 245 -0.81 19.21 -2.95
CA TRP B 245 -0.13 18.06 -3.61
C TRP B 245 -0.83 17.50 -4.82
N LEU B 246 -2.14 17.57 -4.87
CA LEU B 246 -2.88 16.99 -6.02
C LEU B 246 -2.35 17.51 -7.38
N PRO B 247 -2.13 18.82 -7.53
CA PRO B 247 -1.65 19.29 -8.83
C PRO B 247 -0.30 18.66 -9.24
N PHE B 248 0.69 18.65 -8.35
CA PHE B 248 1.92 17.88 -8.61
C PHE B 248 1.67 16.42 -9.07
N PHE B 249 0.88 15.65 -8.31
CA PHE B 249 0.65 14.24 -8.69
C PHE B 249 -0.23 14.06 -9.95
N LEU B 250 -1.12 15.00 -10.26
CA LEU B 250 -1.90 14.89 -11.50
C LEU B 250 -0.96 15.08 -12.69
N VAL B 251 -0.09 16.08 -12.57
CA VAL B 251 0.91 16.32 -13.59
C VAL B 251 1.91 15.15 -13.72
N ASN B 252 2.25 14.52 -12.59
CA ASN B 252 3.11 13.32 -12.61
C ASN B 252 2.51 12.24 -13.52
N ILE B 253 1.20 12.03 -13.42
CA ILE B 253 0.50 11.01 -14.23
C ILE B 253 0.34 11.45 -15.69
N VAL B 254 0.06 12.73 -15.93
CA VAL B 254 -0.13 13.23 -17.27
C VAL B 254 1.17 13.06 -18.07
N ASN B 255 2.30 13.29 -17.41
CA ASN B 255 3.62 13.03 -18.00
C ASN B 255 3.96 11.61 -18.42
N VAL B 256 3.25 10.64 -17.84
CA VAL B 256 3.37 9.27 -18.26
C VAL B 256 2.79 9.14 -19.67
N PHE B 257 1.66 9.81 -19.90
CA PHE B 257 0.96 9.71 -21.20
C PHE B 257 1.45 10.70 -22.26
N ASN B 258 2.11 11.78 -21.84
CA ASN B 258 2.56 12.79 -22.78
C ASN B 258 3.63 13.68 -22.19
N ARG B 259 4.87 13.49 -22.61
CA ARG B 259 6.04 14.17 -22.02
C ARG B 259 6.09 15.67 -22.28
N ASP B 260 5.45 16.15 -23.35
CA ASP B 260 5.57 17.57 -23.77
C ASP B 260 4.47 18.49 -23.28
N LEU B 261 3.35 17.92 -22.86
CA LEU B 261 2.13 18.67 -22.55
C LEU B 261 2.25 19.68 -21.39
N VAL B 262 3.19 19.47 -20.46
CA VAL B 262 3.35 20.39 -19.31
C VAL B 262 4.81 20.84 -19.17
N PRO B 263 5.05 22.15 -19.02
CA PRO B 263 6.43 22.61 -18.97
C PRO B 263 7.17 22.28 -17.67
N ASP B 264 8.44 21.91 -17.81
CA ASP B 264 9.36 21.68 -16.70
C ASP B 264 9.19 22.63 -15.51
N TRP B 265 9.09 23.93 -15.79
CA TRP B 265 9.03 24.95 -14.74
C TRP B 265 7.72 24.90 -13.99
N LEU B 266 6.64 24.48 -14.63
CA LEU B 266 5.33 24.40 -13.95
C LEU B 266 5.31 23.16 -13.03
N PHE B 267 5.87 22.06 -13.52
CA PHE B 267 6.03 20.85 -12.72
C PHE B 267 6.80 21.18 -11.44
N VAL B 268 7.88 21.93 -11.58
CA VAL B 268 8.71 22.27 -10.43
C VAL B 268 7.98 23.29 -9.54
N ALA B 269 7.16 24.15 -10.16
CA ALA B 269 6.33 25.10 -9.41
C ALA B 269 5.31 24.36 -8.51
N PHE B 270 4.60 23.41 -9.10
CA PHE B 270 3.73 22.51 -8.34
C PHE B 270 4.46 21.76 -7.18
N ASN B 271 5.69 21.32 -7.42
CA ASN B 271 6.44 20.63 -6.39
C ASN B 271 6.69 21.58 -5.24
N TRP B 272 6.99 22.84 -5.57
CA TRP B 272 7.20 23.87 -4.52
C TRP B 272 5.95 24.24 -3.74
N LEU B 273 4.79 24.28 -4.40
CA LEU B 273 3.52 24.35 -3.69
C LEU B 273 3.37 23.20 -2.66
N GLY B 274 3.72 21.98 -3.07
CA GLY B 274 3.74 20.84 -2.16
C GLY B 274 4.62 21.10 -0.97
N TYR B 275 5.87 21.51 -1.20
CA TYR B 275 6.78 21.82 -0.10
C TYR B 275 6.23 22.91 0.86
N ALA B 276 5.59 23.91 0.27
CA ALA B 276 4.99 25.04 1.00
C ALA B 276 3.94 24.60 2.01
N ASN B 277 3.34 23.43 1.77
CA ASN B 277 2.35 22.87 2.68
C ASN B 277 2.86 22.67 4.08
N SER B 278 4.15 22.41 4.20
CA SER B 278 4.79 22.14 5.47
C SER B 278 4.85 23.33 6.42
N ALA B 279 4.63 24.54 5.90
CA ALA B 279 4.50 25.77 6.72
C ALA B 279 3.04 26.13 7.09
N MET B 280 2.07 25.44 6.50
CA MET B 280 0.68 25.88 6.61
C MET B 280 -0.08 25.42 7.87
N ASN B 281 0.20 24.21 8.37
CA ASN B 281 -0.60 23.66 9.46
C ASN B 281 -0.45 24.47 10.75
N PRO B 282 0.76 24.91 11.11
CA PRO B 282 0.88 25.74 12.31
C PRO B 282 0.00 26.99 12.28
N ILE B 283 -0.11 27.61 11.12
CA ILE B 283 -0.99 28.74 10.96
C ILE B 283 -2.45 28.32 11.14
N ILE B 284 -2.86 27.21 10.50
CA ILE B 284 -4.23 26.76 10.55
C ILE B 284 -4.67 26.40 12.00
N TYR B 285 -3.75 25.88 12.79
CA TYR B 285 -4.03 25.58 14.18
C TYR B 285 -4.26 26.83 15.06
N CYS B 286 -3.93 28.01 14.54
CA CYS B 286 -4.27 29.25 15.23
C CYS B 286 -5.78 29.49 15.28
N ARG B 287 -6.57 28.68 14.58
CA ARG B 287 -8.02 28.67 14.75
C ARG B 287 -8.44 28.21 16.15
N SER B 288 -7.55 27.54 16.87
CA SER B 288 -7.84 27.03 18.19
C SER B 288 -7.28 27.97 19.24
N PRO B 289 -8.14 28.34 20.23
CA PRO B 289 -7.73 29.14 21.38
C PRO B 289 -6.57 28.54 22.14
N ASP B 290 -6.66 27.23 22.43
CA ASP B 290 -5.64 26.53 23.20
C ASP B 290 -4.26 26.59 22.55
N PHE B 291 -4.20 26.35 21.24
CA PHE B 291 -2.94 26.46 20.46
C PHE B 291 -2.42 27.90 20.45
N ARG B 292 -3.32 28.84 20.18
CA ARG B 292 -2.98 30.28 20.22
C ARG B 292 -2.34 30.68 21.56
N LYS B 293 -2.94 30.25 22.66
CA LYS B 293 -2.42 30.57 24.00
C LYS B 293 -1.06 29.96 24.27
N ALA B 294 -0.88 28.69 23.90
CA ALA B 294 0.43 28.04 24.05
C ALA B 294 1.50 28.71 23.17
N PHE B 295 1.11 29.09 21.95
CA PHE B 295 2.06 29.75 21.04
C PHE B 295 2.52 31.06 21.66
N LYS B 296 1.57 31.86 22.14
CA LYS B 296 1.89 33.14 22.78
C LYS B 296 2.82 32.95 23.97
N ARG B 297 2.45 32.05 24.87
CA ARG B 297 3.28 31.72 26.02
C ARG B 297 4.70 31.29 25.66
N LEU B 298 4.83 30.42 24.65
CA LEU B 298 6.13 29.84 24.29
C LEU B 298 7.06 30.87 23.66
N LEU B 299 6.48 31.76 22.85
CA LEU B 299 7.23 32.85 22.26
C LEU B 299 7.63 33.92 23.31
N ALA B 300 7.01 33.86 24.50
CA ALA B 300 7.37 34.71 25.65
C ALA B 300 8.30 35.86 25.30
#